data_6TIO
#
_entry.id   6TIO
#
_cell.length_a   95.390
_cell.length_b   63.283
_cell.length_c   87.501
_cell.angle_alpha   90.000
_cell.angle_beta   90.000
_cell.angle_gamma   90.000
#
_symmetry.space_group_name_H-M   'P 21 21 2'
#
loop_
_entity.id
_entity.type
_entity.pdbx_description
1 polymer 'Ferulic acid decarboxylase 1'
2 non-polymer 'MANGANESE (II) ION'
3 non-polymer 'POTASSIUM ION'
4 non-polymer 'FLAVIN MONONUCLEOTIDE'
5 non-polymer 'benzothiophene 2 carboxylic acid'
6 water water
#
_entity_poly.entity_id   1
_entity_poly.type   'polypeptide(L)'
_entity_poly.pdbx_seq_one_letter_code
;MSAQPAHLCFRSFVEALKVDNDLVEINTPIDPNLEAAAITRRVCETNDKAPLFNNLIGMKNGLFRILGAPGSLRKSSADR
YGRLARHLALPPTASMREILDKMLSASDMPPIPPTIVPTGPCKENSLDDSEFDLTELPVPLIHKSDGGKYIQTYGMHIVQ
SPDGTWTNWSIARAMVHDKNHLTGLVIPPQHIWQIHQMWKKEGRSDVPWALAFGVPPAAIMASSMPIPDGVTEAGYVGAM
TGSSLELVKCDTNDLYVPATSEIVLEGTLSISETGPEGPFGEMHGYIFPGDTHLGAKYKVNRITYRNNAIMPMSSCGRLT
DETHTMIGSLAAAEIRKLCQQNDLPITDAFAPFESQVTWVALRVDTEKLRAMKTTSEGFRKRVGDVVFNHKAGYTIHRLV
LVGDDIDVYEGKDVLWAFSTRCRPGMDETLFEDVRGFPLIPYMGHGNGPAHRGGKVVSDALMPTEYTTGRNWEAADFNQS
YPEDLKQKVLDNWTKMGFSNLEHHHHHH
;
_entity_poly.pdbx_strand_id   AAA
#
# COMPACT_ATOMS: atom_id res chain seq x y z
CA ALA A 3 7.73 0.15 26.10
C ALA A 3 7.75 -1.10 25.18
N GLN A 4 7.00 -1.06 24.07
CA GLN A 4 6.84 -2.17 23.06
C GLN A 4 7.53 -1.85 21.72
N PRO A 5 7.92 -2.83 20.88
CA PRO A 5 8.77 -2.53 19.70
C PRO A 5 8.06 -1.71 18.62
N ALA A 6 8.83 -0.96 17.85
CA ALA A 6 8.30 -0.01 16.85
C ALA A 6 7.38 -0.71 15.83
N HIS A 7 7.69 -1.95 15.43
CA HIS A 7 6.89 -2.67 14.43
C HIS A 7 5.57 -3.20 15.01
N LEU A 8 5.46 -3.24 16.32
CA LEU A 8 4.24 -3.77 16.97
C LEU A 8 3.43 -2.68 17.65
N CYS A 9 3.89 -1.42 17.68
CA CYS A 9 3.21 -0.36 18.42
C CYS A 9 3.45 0.97 17.71
N PHE A 10 2.39 1.58 17.26
CA PHE A 10 2.48 2.82 16.48
C PHE A 10 3.17 3.92 17.30
N ARG A 11 2.89 4.01 18.60
CA ARG A 11 3.48 5.10 19.41
C ARG A 11 5.00 4.92 19.42
N SER A 12 5.45 3.68 19.55
CA SER A 12 6.89 3.32 19.51
C SER A 12 7.50 3.58 18.13
N PHE A 13 6.74 3.34 17.06
CA PHE A 13 7.16 3.69 15.69
C PHE A 13 7.40 5.20 15.55
N VAL A 14 6.50 6.06 16.09
CA VAL A 14 6.72 7.54 16.03
C VAL A 14 8.01 7.90 16.78
N GLU A 15 8.24 7.30 17.94
N GLU A 15 8.23 7.29 17.94
CA GLU A 15 9.49 7.56 18.73
CA GLU A 15 9.47 7.52 18.73
C GLU A 15 10.68 7.07 17.92
C GLU A 15 10.67 7.07 17.92
N ALA A 16 10.55 5.97 17.18
CA ALA A 16 11.67 5.48 16.35
C ALA A 16 11.99 6.47 15.21
N LEU A 17 10.98 7.08 14.57
CA LEU A 17 11.24 8.08 13.50
C LEU A 17 11.96 9.29 14.15
N LYS A 18 11.57 9.69 15.36
N LYS A 18 11.53 9.66 15.37
CA LYS A 18 12.22 10.84 16.02
CA LYS A 18 12.08 10.79 16.15
C LYS A 18 13.71 10.51 16.19
C LYS A 18 13.57 10.51 16.39
N VAL A 19 14.00 9.37 16.78
N VAL A 19 13.94 9.32 16.86
CA VAL A 19 15.38 8.98 17.14
CA VAL A 19 15.37 9.10 17.21
C VAL A 19 16.23 8.88 15.88
C VAL A 19 16.22 8.79 15.94
N ASP A 20 15.64 8.41 14.79
CA ASP A 20 16.28 8.31 13.45
C ASP A 20 16.60 9.69 12.81
N ASN A 21 16.11 10.76 13.42
CA ASN A 21 16.14 12.10 12.82
C ASN A 21 15.35 12.05 11.48
N ASP A 22 14.22 11.33 11.51
CA ASP A 22 13.36 11.16 10.31
C ASP A 22 11.99 11.75 10.59
N LEU A 23 11.91 12.63 11.60
N LEU A 23 11.91 12.73 11.48
CA LEU A 23 10.67 13.26 12.09
CA LEU A 23 10.61 13.28 11.91
C LEU A 23 10.90 14.77 12.27
C LEU A 23 10.79 14.70 12.39
N VAL A 24 9.91 15.57 11.94
CA VAL A 24 9.85 16.99 12.35
C VAL A 24 8.61 17.13 13.17
N GLU A 25 8.81 17.49 14.43
CA GLU A 25 7.66 17.80 15.31
C GLU A 25 7.27 19.26 15.19
N ILE A 26 6.06 19.51 14.70
CA ILE A 26 5.55 20.87 14.51
C ILE A 26 4.61 21.13 15.68
N ASN A 27 5.05 22.02 16.57
CA ASN A 27 4.38 22.26 17.87
C ASN A 27 3.51 23.51 17.82
N THR A 28 3.58 24.30 16.73
CA THR A 28 2.78 25.53 16.50
C THR A 28 1.48 25.12 15.81
N PRO A 29 0.41 25.95 15.88
CA PRO A 29 -0.86 25.49 15.34
C PRO A 29 -0.81 25.27 13.82
N ILE A 30 -1.39 24.18 13.39
CA ILE A 30 -1.49 23.81 11.95
C ILE A 30 -2.96 23.54 11.63
N ASP A 31 -3.44 24.04 10.52
CA ASP A 31 -4.87 23.89 10.14
C ASP A 31 -5.06 22.51 9.51
N PRO A 32 -6.00 21.67 10.02
CA PRO A 32 -6.32 20.47 9.26
C PRO A 32 -7.03 20.76 7.95
N ASN A 33 -7.58 21.97 7.78
CA ASN A 33 -8.13 22.37 6.46
C ASN A 33 -6.94 22.73 5.56
N LEU A 34 -6.46 21.74 4.80
CA LEU A 34 -5.44 21.82 3.75
C LEU A 34 -4.00 21.99 4.25
N GLU A 35 -3.76 22.72 5.31
CA GLU A 35 -2.35 23.06 5.67
C GLU A 35 -1.55 21.79 6.03
N ALA A 36 -2.07 20.93 6.91
CA ALA A 36 -1.37 19.69 7.28
C ALA A 36 -1.05 18.87 6.04
N ALA A 37 -2.03 18.72 5.16
CA ALA A 37 -1.87 17.85 3.99
C ALA A 37 -0.91 18.52 2.99
N ALA A 38 -0.89 19.87 2.92
CA ALA A 38 0.01 20.59 2.01
C ALA A 38 1.45 20.38 2.45
N ILE A 39 1.71 20.52 3.76
CA ILE A 39 3.04 20.22 4.31
C ILE A 39 3.39 18.78 3.96
N THR A 40 2.47 17.85 4.23
CA THR A 40 2.72 16.43 3.99
C THR A 40 2.99 16.18 2.50
N ARG A 41 2.23 16.78 1.62
CA ARG A 41 2.38 16.60 0.16
C ARG A 41 3.78 17.06 -0.26
N ARG A 42 4.24 18.20 0.30
N ARG A 42 4.26 18.18 0.31
CA ARG A 42 5.58 18.77 -0.05
CA ARG A 42 5.58 18.69 -0.09
C ARG A 42 6.65 17.79 0.46
C ARG A 42 6.69 17.80 0.49
N VAL A 43 6.47 17.27 1.69
CA VAL A 43 7.37 16.22 2.21
C VAL A 43 7.46 15.07 1.19
N CYS A 44 6.33 14.52 0.75
CA CYS A 44 6.31 13.32 -0.12
C CYS A 44 6.99 13.64 -1.48
N GLU A 45 6.79 14.84 -1.99
CA GLU A 45 7.34 15.23 -3.30
C GLU A 45 8.85 15.47 -3.16
N THR A 46 9.36 15.65 -1.94
CA THR A 46 10.79 15.96 -1.76
C THR A 46 11.53 14.92 -0.89
N ASN A 47 10.85 13.84 -0.51
CA ASN A 47 11.45 12.80 0.35
C ASN A 47 12.05 13.38 1.66
N ASP A 48 11.38 14.37 2.24
CA ASP A 48 11.80 14.99 3.52
C ASP A 48 11.35 14.09 4.71
N LYS A 49 11.61 14.58 5.89
CA LYS A 49 11.23 13.95 7.14
C LYS A 49 9.70 13.96 7.30
N ALA A 50 9.21 12.94 7.99
CA ALA A 50 7.79 12.82 8.31
C ALA A 50 7.36 13.93 9.25
N PRO A 51 6.24 14.62 8.95
CA PRO A 51 5.76 15.66 9.86
C PRO A 51 4.81 15.10 10.92
N LEU A 52 5.08 15.48 12.16
CA LEU A 52 4.16 15.14 13.28
C LEU A 52 3.54 16.45 13.76
N PHE A 53 2.25 16.62 13.55
CA PHE A 53 1.52 17.85 13.86
C PHE A 53 0.96 17.66 15.27
N ASN A 54 1.64 18.21 16.24
CA ASN A 54 1.31 18.12 17.67
C ASN A 54 0.29 19.18 18.11
N ASN A 55 -0.13 20.07 17.22
CA ASN A 55 -0.94 21.23 17.59
C ASN A 55 -1.86 21.51 16.44
N LEU A 56 -2.93 20.74 16.34
N LEU A 56 -2.93 20.71 16.31
CA LEU A 56 -3.84 20.82 15.17
CA LEU A 56 -3.89 20.89 15.19
C LEU A 56 -4.97 21.72 15.63
C LEU A 56 -5.02 21.74 15.66
N ILE A 57 -5.29 22.72 14.81
CA ILE A 57 -6.44 23.62 15.07
C ILE A 57 -7.73 22.76 15.06
N GLY A 58 -8.43 22.77 16.20
CA GLY A 58 -9.66 21.98 16.33
C GLY A 58 -9.49 20.73 17.16
N MET A 59 -8.26 20.39 17.60
N MET A 59 -8.28 20.45 17.61
CA MET A 59 -8.09 19.20 18.49
CA MET A 59 -8.15 19.35 18.57
C MET A 59 -8.82 19.46 19.83
C MET A 59 -9.12 19.59 19.73
N LYS A 60 -9.72 18.53 20.20
CA LYS A 60 -10.70 18.60 21.34
C LYS A 60 -10.46 17.35 22.20
N ASN A 61 -10.14 17.49 23.49
CA ASN A 61 -10.20 16.32 24.43
C ASN A 61 -9.30 15.17 23.95
N GLY A 62 -8.11 15.49 23.42
CA GLY A 62 -7.13 14.49 22.95
C GLY A 62 -7.34 13.98 21.52
N LEU A 63 -8.37 14.42 20.78
CA LEU A 63 -8.54 14.03 19.38
C LEU A 63 -8.26 15.24 18.51
N PHE A 64 -7.18 15.21 17.75
CA PHE A 64 -6.09 14.26 17.67
C PHE A 64 -4.89 15.03 17.07
N ARG A 65 -3.68 14.48 17.23
CA ARG A 65 -2.45 14.89 16.48
C ARG A 65 -2.48 14.19 15.14
N ILE A 66 -1.62 14.58 14.17
CA ILE A 66 -1.52 13.86 12.86
C ILE A 66 -0.07 13.55 12.61
N LEU A 67 0.24 12.35 12.16
CA LEU A 67 1.53 12.02 11.52
C LEU A 67 1.29 11.89 10.03
N GLY A 68 1.96 12.73 9.25
CA GLY A 68 1.93 12.59 7.79
C GLY A 68 3.05 11.67 7.28
N ALA A 69 2.89 11.21 6.04
CA ALA A 69 3.94 10.53 5.28
C ALA A 69 4.55 9.35 6.09
N PRO A 70 3.70 8.50 6.74
CA PRO A 70 4.24 7.43 7.56
C PRO A 70 5.02 6.32 6.85
N GLY A 71 4.77 6.16 5.56
CA GLY A 71 5.44 5.12 4.74
C GLY A 71 6.09 5.68 3.48
N SER A 72 6.45 6.98 3.51
CA SER A 72 7.09 7.66 2.37
C SER A 72 8.63 7.48 2.41
N LEU A 73 9.32 7.99 1.40
CA LEU A 73 10.73 7.71 1.18
C LEU A 73 11.59 8.73 1.94
N ARG A 74 12.76 8.27 2.29
CA ARG A 74 13.82 9.16 2.80
C ARG A 74 14.74 9.68 1.66
N LYS A 75 15.45 10.79 1.89
CA LYS A 75 16.22 11.50 0.83
C LYS A 75 17.40 10.64 0.39
N SER A 76 18.11 10.03 1.34
N SER A 76 18.17 10.06 1.31
CA SER A 76 19.32 9.22 1.06
CA SER A 76 19.43 9.38 0.91
C SER A 76 18.99 7.95 0.27
C SER A 76 19.17 7.93 0.44
N SER A 77 19.92 7.50 -0.58
CA SER A 77 19.77 6.17 -1.22
C SER A 77 20.07 5.07 -0.19
N ALA A 78 20.97 5.32 0.75
CA ALA A 78 21.39 4.30 1.72
C ALA A 78 20.22 3.84 2.61
N ASP A 79 19.30 4.72 3.04
CA ASP A 79 18.13 4.31 3.86
C ASP A 79 16.84 4.80 3.19
N ARG A 80 16.79 4.81 1.85
CA ARG A 80 15.61 5.25 1.07
C ARG A 80 14.32 4.67 1.65
N TYR A 81 14.32 3.36 1.98
CA TYR A 81 13.10 2.64 2.41
C TYR A 81 13.07 2.49 3.95
N GLY A 82 13.83 3.31 4.68
CA GLY A 82 13.93 3.14 6.13
C GLY A 82 12.61 3.26 6.86
N ARG A 83 11.67 4.11 6.42
N ARG A 83 11.71 4.11 6.36
CA ARG A 83 10.35 4.19 7.08
CA ARG A 83 10.43 4.31 7.05
C ARG A 83 9.63 2.85 6.95
C ARG A 83 9.58 3.03 6.88
N LEU A 84 9.69 2.28 5.77
CA LEU A 84 9.04 0.93 5.57
C LEU A 84 9.77 -0.11 6.43
N ALA A 85 11.11 -0.09 6.45
CA ALA A 85 11.87 -1.01 7.33
C ALA A 85 11.46 -0.86 8.80
N ARG A 86 11.17 0.36 9.25
CA ARG A 86 10.72 0.63 10.66
C ARG A 86 9.33 0.06 10.89
N HIS A 87 8.55 -0.26 9.86
CA HIS A 87 7.26 -0.95 10.00
C HIS A 87 7.50 -2.43 10.35
N LEU A 88 8.72 -2.96 10.13
CA LEU A 88 8.88 -4.42 10.05
C LEU A 88 10.05 -4.93 10.88
N ALA A 89 10.71 -4.10 11.66
CA ALA A 89 11.85 -4.51 12.51
C ALA A 89 13.06 -4.83 11.63
N LEU A 90 13.10 -4.34 10.39
CA LEU A 90 14.25 -4.47 9.51
C LEU A 90 15.21 -3.28 9.69
N PRO A 91 16.52 -3.51 9.44
CA PRO A 91 17.47 -2.39 9.45
C PRO A 91 17.03 -1.32 8.48
N PRO A 92 17.25 -0.05 8.81
CA PRO A 92 16.78 1.03 7.97
C PRO A 92 17.41 1.11 6.56
N THR A 93 18.52 0.42 6.37
CA THR A 93 19.27 0.24 5.12
C THR A 93 18.70 -0.91 4.29
N ALA A 94 17.58 -1.49 4.73
CA ALA A 94 17.03 -2.65 4.00
C ALA A 94 16.72 -2.28 2.54
N SER A 95 16.96 -3.24 1.67
CA SER A 95 16.56 -3.16 0.26
C SER A 95 15.07 -3.43 0.09
N MET A 96 14.54 -3.08 -1.07
CA MET A 96 13.16 -3.40 -1.36
C MET A 96 13.02 -4.92 -1.47
N ARG A 97 14.03 -5.62 -2.01
CA ARG A 97 13.92 -7.10 -2.05
C ARG A 97 13.75 -7.63 -0.62
N GLU A 98 14.54 -7.12 0.31
CA GLU A 98 14.43 -7.60 1.72
C GLU A 98 13.07 -7.26 2.34
N ILE A 99 12.54 -6.09 2.08
CA ILE A 99 11.23 -5.68 2.60
C ILE A 99 10.14 -6.61 2.02
N LEU A 100 10.18 -6.84 0.72
CA LEU A 100 9.13 -7.70 0.11
C LEU A 100 9.31 -9.15 0.55
N ASP A 101 10.52 -9.63 0.68
CA ASP A 101 10.74 -11.01 1.16
C ASP A 101 10.19 -11.10 2.59
N LYS A 102 10.35 -10.07 3.42
CA LYS A 102 9.80 -10.08 4.81
C LYS A 102 8.28 -10.21 4.72
N MET A 103 7.64 -9.41 3.85
CA MET A 103 6.18 -9.37 3.71
C MET A 103 5.65 -10.72 3.19
N LEU A 104 6.48 -11.45 2.42
CA LEU A 104 6.05 -12.74 1.82
C LEU A 104 6.39 -13.91 2.78
N SER A 105 7.17 -13.68 3.84
CA SER A 105 7.79 -14.79 4.60
C SER A 105 6.68 -15.64 5.22
N ALA A 106 5.57 -15.03 5.63
CA ALA A 106 4.47 -15.75 6.32
C ALA A 106 3.66 -16.63 5.38
N SER A 107 3.85 -16.53 4.06
N SER A 107 3.78 -16.46 4.06
CA SER A 107 3.01 -17.25 3.06
CA SER A 107 2.95 -17.20 3.08
C SER A 107 3.25 -18.76 3.12
C SER A 107 3.02 -18.69 3.40
N ASP A 108 4.39 -19.22 3.63
N ASP A 108 4.23 -19.14 3.72
CA ASP A 108 4.59 -20.68 3.86
CA ASP A 108 4.69 -20.55 3.81
C ASP A 108 4.99 -20.90 5.32
C ASP A 108 4.56 -21.10 5.25
N MET A 109 4.28 -20.22 6.21
CA MET A 109 4.37 -20.51 7.63
C MET A 109 2.96 -20.74 8.17
N PRO A 110 2.83 -21.54 9.24
CA PRO A 110 1.58 -21.59 9.98
C PRO A 110 1.28 -20.23 10.58
N PRO A 111 0.00 -19.79 10.51
CA PRO A 111 -0.35 -18.58 11.18
C PRO A 111 0.01 -18.64 12.67
N ILE A 112 0.26 -17.48 13.24
CA ILE A 112 0.32 -17.24 14.69
C ILE A 112 -0.88 -16.39 15.03
N PRO A 113 -1.96 -17.05 15.54
CA PRO A 113 -3.17 -16.33 15.83
C PRO A 113 -2.96 -15.30 16.92
N PRO A 114 -3.81 -14.27 16.92
CA PRO A 114 -3.68 -13.21 17.89
C PRO A 114 -4.06 -13.67 19.32
N THR A 115 -3.60 -12.88 20.29
CA THR A 115 -3.82 -13.08 21.73
C THR A 115 -4.81 -12.02 22.20
N ILE A 116 -5.87 -12.43 22.91
CA ILE A 116 -6.86 -11.47 23.46
C ILE A 116 -6.35 -11.05 24.85
N VAL A 117 -6.36 -9.75 25.09
CA VAL A 117 -6.01 -9.13 26.38
C VAL A 117 -7.19 -8.27 26.80
N PRO A 118 -7.35 -8.15 28.12
CA PRO A 118 -8.54 -7.51 28.65
C PRO A 118 -8.64 -6.01 28.42
N THR A 119 -7.51 -5.33 28.21
CA THR A 119 -7.53 -3.86 27.98
C THR A 119 -6.25 -3.44 27.27
N GLY A 120 -6.17 -2.16 26.94
CA GLY A 120 -4.92 -1.64 26.35
C GLY A 120 -5.03 -0.15 26.19
N PRO A 121 -3.97 0.52 25.71
CA PRO A 121 -4.00 1.97 25.61
C PRO A 121 -5.19 2.53 24.79
N CYS A 122 -5.72 1.75 23.83
CA CYS A 122 -6.82 2.27 22.98
C CYS A 122 -8.10 2.49 23.80
N LYS A 123 -8.10 2.06 25.06
CA LYS A 123 -9.27 2.18 25.90
C LYS A 123 -9.08 3.31 26.90
N GLU A 124 -8.00 4.09 26.80
CA GLU A 124 -7.75 5.19 27.75
C GLU A 124 -8.88 6.21 27.76
N ASN A 125 -9.56 6.39 26.64
CA ASN A 125 -10.63 7.40 26.52
C ASN A 125 -11.75 6.78 25.66
N SER A 126 -12.97 7.20 25.91
CA SER A 126 -14.07 6.74 25.05
C SER A 126 -15.12 7.85 24.93
N LEU A 127 -15.84 7.83 23.82
CA LEU A 127 -16.94 8.75 23.53
C LEU A 127 -18.08 7.91 22.96
N ASP A 128 -19.22 8.01 23.63
CA ASP A 128 -20.42 7.33 23.10
C ASP A 128 -21.13 8.20 22.05
N ASP A 129 -22.23 7.61 21.57
N ASP A 129 -22.19 7.61 21.46
CA ASP A 129 -23.16 8.04 20.51
CA ASP A 129 -23.09 8.19 20.43
C ASP A 129 -23.76 9.43 20.82
C ASP A 129 -23.40 9.65 20.76
N SER A 130 -23.63 9.92 22.05
CA SER A 130 -24.13 11.24 22.51
C SER A 130 -22.98 12.22 22.77
N GLU A 131 -21.73 11.79 22.67
CA GLU A 131 -20.56 12.60 23.12
C GLU A 131 -19.66 13.00 21.97
N PHE A 132 -19.71 12.35 20.82
CA PHE A 132 -18.84 12.75 19.69
C PHE A 132 -19.67 13.27 18.54
N ASP A 133 -19.04 14.12 17.74
CA ASP A 133 -19.60 14.51 16.44
C ASP A 133 -18.41 14.54 15.46
N LEU A 134 -18.40 13.68 14.45
CA LEU A 134 -17.26 13.56 13.53
C LEU A 134 -17.03 14.87 12.76
N THR A 135 -18.03 15.76 12.65
CA THR A 135 -17.86 17.07 11.99
C THR A 135 -17.22 18.10 12.92
N GLU A 136 -17.06 17.78 14.19
CA GLU A 136 -16.47 18.68 15.20
C GLU A 136 -14.99 18.27 15.47
N LEU A 137 -14.48 17.17 14.95
CA LEU A 137 -13.08 16.74 15.07
C LEU A 137 -12.24 17.42 13.98
N PRO A 138 -10.92 17.49 14.18
CA PRO A 138 -10.02 18.14 13.21
C PRO A 138 -9.64 17.18 12.07
N VAL A 139 -10.66 16.66 11.39
CA VAL A 139 -10.47 15.76 10.26
C VAL A 139 -9.89 16.58 9.10
N PRO A 140 -8.84 16.12 8.45
CA PRO A 140 -8.22 16.93 7.42
C PRO A 140 -9.03 17.00 6.12
N LEU A 141 -8.95 18.17 5.48
CA LEU A 141 -9.24 18.30 4.04
C LEU A 141 -7.87 18.12 3.38
N ILE A 142 -7.69 17.06 2.61
CA ILE A 142 -6.36 16.63 2.12
C ILE A 142 -6.01 17.36 0.81
N HIS A 143 -6.98 17.53 -0.07
CA HIS A 143 -6.81 18.20 -1.38
C HIS A 143 -7.97 19.22 -1.53
N LYS A 144 -7.71 20.37 -2.17
N LYS A 144 -7.73 20.39 -2.12
CA LYS A 144 -8.64 21.51 -2.14
CA LYS A 144 -8.73 21.49 -2.02
C LYS A 144 -10.01 21.18 -2.76
C LYS A 144 -10.07 21.13 -2.71
N SER A 145 -10.08 20.28 -3.74
CA SER A 145 -11.32 19.85 -4.43
C SER A 145 -11.87 18.53 -3.88
N ASP A 146 -11.34 17.99 -2.79
CA ASP A 146 -11.95 16.74 -2.24
C ASP A 146 -13.42 16.96 -1.89
N GLY A 147 -14.22 15.93 -2.03
CA GLY A 147 -15.66 15.99 -1.72
C GLY A 147 -15.99 15.81 -0.25
N GLY A 148 -14.98 15.73 0.61
CA GLY A 148 -15.22 15.52 2.03
C GLY A 148 -13.91 15.57 2.77
N LYS A 149 -13.99 15.49 4.09
N LYS A 149 -14.01 15.55 4.10
CA LYS A 149 -12.78 15.44 4.92
CA LYS A 149 -12.87 15.45 5.04
C LYS A 149 -12.44 13.98 5.18
C LYS A 149 -12.49 13.96 5.14
N TYR A 150 -11.29 13.58 4.65
CA TYR A 150 -10.90 12.15 4.58
C TYR A 150 -10.19 11.77 5.88
N ILE A 151 -11.02 11.36 6.85
CA ILE A 151 -10.55 10.83 8.14
C ILE A 151 -9.70 9.59 7.93
N GLN A 152 -10.00 8.82 6.89
CA GLN A 152 -9.44 7.47 6.71
C GLN A 152 -8.62 7.42 5.45
N THR A 153 -7.29 7.49 5.63
CA THR A 153 -6.30 7.18 4.59
C THR A 153 -5.27 6.14 5.05
N TYR A 154 -5.12 5.88 6.37
CA TYR A 154 -4.02 4.99 6.80
C TYR A 154 -4.44 4.21 8.04
N GLY A 155 -5.75 4.14 8.29
CA GLY A 155 -6.30 3.19 9.28
C GLY A 155 -6.67 1.87 8.65
N MET A 156 -7.05 0.92 9.53
N MET A 156 -7.02 0.89 9.48
CA MET A 156 -7.32 -0.49 9.25
CA MET A 156 -7.29 -0.47 9.00
C MET A 156 -8.79 -0.75 9.45
C MET A 156 -8.71 -0.84 9.42
N HIS A 157 -9.50 -1.10 8.38
CA HIS A 157 -10.86 -1.63 8.51
C HIS A 157 -10.76 -3.07 8.95
N ILE A 158 -11.62 -3.40 9.91
CA ILE A 158 -11.78 -4.75 10.46
C ILE A 158 -13.22 -5.22 10.21
N VAL A 159 -13.35 -6.23 9.38
CA VAL A 159 -14.63 -6.95 9.14
C VAL A 159 -14.36 -8.44 9.14
N GLN A 160 -15.43 -9.19 9.48
CA GLN A 160 -15.35 -10.64 9.62
C GLN A 160 -16.47 -11.28 8.80
N SER A 161 -16.16 -12.44 8.25
CA SER A 161 -17.15 -13.25 7.49
C SER A 161 -18.30 -13.62 8.42
N PRO A 162 -19.56 -13.71 7.92
CA PRO A 162 -20.66 -14.11 8.78
C PRO A 162 -20.38 -15.35 9.62
N ASP A 163 -19.64 -16.31 9.08
CA ASP A 163 -19.40 -17.61 9.76
C ASP A 163 -18.25 -17.51 10.78
N GLY A 164 -17.62 -16.34 10.87
CA GLY A 164 -16.56 -16.06 11.85
C GLY A 164 -15.21 -16.60 11.45
N THR A 165 -15.06 -17.32 10.33
CA THR A 165 -13.80 -18.05 10.01
C THR A 165 -12.71 -17.13 9.43
N TRP A 166 -13.03 -15.94 8.98
CA TRP A 166 -12.08 -15.06 8.27
C TRP A 166 -12.29 -13.67 8.82
N THR A 167 -11.22 -13.10 9.40
CA THR A 167 -11.22 -11.70 9.85
C THR A 167 -10.23 -10.93 8.97
N ASN A 168 -10.73 -9.96 8.23
CA ASN A 168 -9.91 -9.22 7.23
C ASN A 168 -9.51 -7.88 7.81
N TRP A 169 -8.24 -7.52 7.57
CA TRP A 169 -7.71 -6.17 7.85
C TRP A 169 -7.25 -5.53 6.54
N SER A 170 -7.77 -4.35 6.25
CA SER A 170 -7.38 -3.65 4.98
C SER A 170 -7.53 -2.15 5.09
N ILE A 171 -6.79 -1.43 4.24
CA ILE A 171 -6.97 0.03 4.08
C ILE A 171 -7.94 0.23 2.90
N ALA A 172 -8.91 1.09 3.13
CA ALA A 172 -9.81 1.64 2.09
C ALA A 172 -10.22 3.01 2.56
N ARG A 173 -10.22 3.98 1.66
CA ARG A 173 -10.50 5.37 2.03
C ARG A 173 -11.94 5.57 2.56
N ALA A 174 -12.07 6.55 3.43
CA ALA A 174 -13.36 6.99 3.92
C ALA A 174 -13.32 8.40 4.39
N MET A 175 -14.45 9.08 4.16
CA MET A 175 -14.62 10.49 4.54
C MET A 175 -15.84 10.63 5.46
N VAL A 176 -15.89 11.77 6.16
CA VAL A 176 -16.99 12.08 7.06
C VAL A 176 -18.23 12.52 6.25
N HIS A 177 -19.36 11.85 6.50
CA HIS A 177 -20.68 12.12 5.88
C HIS A 177 -21.51 13.03 6.77
N ASP A 178 -21.56 12.72 8.06
CA ASP A 178 -22.27 13.58 9.03
C ASP A 178 -21.76 13.25 10.43
N LYS A 179 -22.47 13.68 11.47
CA LYS A 179 -21.97 13.57 12.87
C LYS A 179 -21.58 12.13 13.25
N ASN A 180 -22.23 11.10 12.66
CA ASN A 180 -22.02 9.69 13.07
C ASN A 180 -22.02 8.76 11.87
N HIS A 181 -21.63 9.26 10.67
CA HIS A 181 -21.41 8.37 9.52
C HIS A 181 -20.20 8.77 8.68
N LEU A 182 -19.59 7.76 8.07
CA LEU A 182 -18.59 7.94 7.00
C LEU A 182 -19.22 7.45 5.70
N THR A 183 -18.69 7.90 4.58
CA THR A 183 -18.82 7.14 3.33
C THR A 183 -17.44 6.75 2.85
N GLY A 184 -17.34 5.70 2.03
N GLY A 184 -17.33 5.66 2.09
CA GLY A 184 -16.05 5.22 1.54
CA GLY A 184 -16.04 5.16 1.61
C GLY A 184 -16.18 4.29 0.35
C GLY A 184 -16.17 4.28 0.38
N LEU A 185 -15.02 3.96 -0.19
CA LEU A 185 -14.89 3.02 -1.32
C LEU A 185 -14.90 1.61 -0.80
N VAL A 186 -15.89 0.86 -1.26
N VAL A 186 -15.90 0.84 -1.24
CA VAL A 186 -15.96 -0.61 -1.06
CA VAL A 186 -15.96 -0.63 -1.03
C VAL A 186 -16.24 -1.21 -2.43
C VAL A 186 -16.24 -1.24 -2.41
N ILE A 187 -15.19 -1.66 -3.12
CA ILE A 187 -15.30 -2.08 -4.54
C ILE A 187 -14.69 -3.44 -4.75
N PRO A 188 -15.24 -4.22 -5.72
CA PRO A 188 -14.63 -5.48 -6.05
C PRO A 188 -13.27 -5.28 -6.68
N PRO A 189 -12.30 -6.22 -6.53
CA PRO A 189 -12.44 -7.48 -5.81
C PRO A 189 -11.96 -7.46 -4.35
N GLN A 190 -12.01 -6.28 -3.73
CA GLN A 190 -11.32 -6.05 -2.45
C GLN A 190 -12.01 -6.88 -1.36
N HIS A 191 -11.24 -7.38 -0.41
CA HIS A 191 -11.78 -8.29 0.64
C HIS A 191 -12.86 -7.58 1.46
N ILE A 192 -12.78 -6.27 1.71
CA ILE A 192 -13.86 -5.57 2.41
C ILE A 192 -15.16 -5.72 1.62
N TRP A 193 -15.08 -5.67 0.31
CA TRP A 193 -16.24 -5.83 -0.56
C TRP A 193 -16.69 -7.29 -0.58
N GLN A 194 -15.76 -8.23 -0.68
CA GLN A 194 -16.10 -9.66 -0.69
C GLN A 194 -16.90 -10.05 0.58
N ILE A 195 -16.44 -9.56 1.73
CA ILE A 195 -17.10 -9.80 3.03
C ILE A 195 -18.44 -9.04 3.08
N HIS A 196 -18.47 -7.79 2.62
N HIS A 196 -18.47 -7.78 2.59
CA HIS A 196 -19.74 -7.05 2.58
CA HIS A 196 -19.71 -6.96 2.50
C HIS A 196 -20.77 -7.89 1.81
C HIS A 196 -20.78 -7.78 1.74
N GLN A 197 -20.38 -8.49 0.68
CA GLN A 197 -21.32 -9.27 -0.19
C GLN A 197 -21.82 -10.51 0.58
N MET A 198 -20.96 -11.09 1.41
CA MET A 198 -21.39 -12.26 2.20
C MET A 198 -22.52 -11.84 3.14
N TRP A 199 -22.41 -10.70 3.79
CA TRP A 199 -23.43 -10.19 4.73
C TRP A 199 -24.67 -9.76 3.94
N LYS A 200 -24.52 -9.15 2.77
N LYS A 200 -24.48 -9.15 2.75
CA LYS A 200 -25.72 -8.72 2.01
CA LYS A 200 -25.64 -8.70 1.91
C LYS A 200 -26.52 -9.95 1.54
C LYS A 200 -26.49 -9.93 1.56
N LYS A 201 -25.85 -11.03 1.12
CA LYS A 201 -26.56 -12.25 0.67
C LYS A 201 -27.18 -12.94 1.88
N GLU A 202 -26.56 -12.87 3.05
CA GLU A 202 -27.24 -13.37 4.27
C GLU A 202 -28.46 -12.49 4.59
N GLY A 203 -28.37 -11.16 4.37
CA GLY A 203 -29.52 -10.26 4.38
C GLY A 203 -30.05 -9.89 5.73
N ARG A 204 -29.48 -10.41 6.83
CA ARG A 204 -30.07 -10.29 8.20
C ARG A 204 -29.65 -8.95 8.88
N SER A 205 -28.40 -8.54 8.79
N SER A 205 -28.38 -8.56 8.73
CA SER A 205 -27.98 -7.30 9.49
CA SER A 205 -27.71 -7.55 9.59
C SER A 205 -26.86 -6.60 8.72
C SER A 205 -26.78 -6.66 8.78
N ASP A 206 -26.60 -5.40 9.20
CA ASP A 206 -25.46 -4.59 8.73
C ASP A 206 -24.18 -5.28 9.22
N VAL A 207 -23.04 -4.99 8.60
CA VAL A 207 -21.77 -5.72 8.86
C VAL A 207 -21.17 -5.12 10.14
N PRO A 208 -20.91 -5.93 11.19
CA PRO A 208 -20.21 -5.39 12.32
C PRO A 208 -18.84 -4.93 11.81
N TRP A 209 -18.42 -3.77 12.31
CA TRP A 209 -17.23 -3.09 11.76
C TRP A 209 -16.45 -2.36 12.86
N ALA A 210 -15.16 -2.29 12.64
CA ALA A 210 -14.33 -1.31 13.35
C ALA A 210 -13.27 -0.78 12.39
N LEU A 211 -12.81 0.41 12.71
CA LEU A 211 -11.76 1.10 11.93
C LEU A 211 -10.75 1.56 13.00
N ALA A 212 -9.55 1.02 12.93
CA ALA A 212 -8.47 1.31 13.90
C ALA A 212 -7.37 2.09 13.19
N PHE A 213 -7.04 3.23 13.76
CA PHE A 213 -5.99 4.14 13.25
C PHE A 213 -4.77 4.04 14.17
N GLY A 214 -3.57 4.13 13.62
CA GLY A 214 -2.33 3.98 14.41
C GLY A 214 -2.27 2.60 14.98
N VAL A 215 -2.43 1.62 14.12
CA VAL A 215 -2.28 0.19 14.48
C VAL A 215 -0.80 -0.16 14.44
N PRO A 216 -0.43 -1.36 14.94
CA PRO A 216 0.93 -1.85 14.80
C PRO A 216 1.39 -1.70 13.34
N PRO A 217 2.56 -1.08 13.13
CA PRO A 217 3.04 -0.87 11.75
C PRO A 217 3.11 -2.16 10.91
N ALA A 218 3.48 -3.27 11.52
CA ALA A 218 3.52 -4.53 10.74
C ALA A 218 2.10 -4.89 10.26
N ALA A 219 1.06 -4.55 11.07
CA ALA A 219 -0.34 -4.83 10.71
C ALA A 219 -0.82 -3.86 9.57
N ILE A 220 -0.43 -2.57 9.56
CA ILE A 220 -0.85 -1.65 8.45
C ILE A 220 -0.17 -2.10 7.15
N MET A 221 1.03 -2.66 7.20
N MET A 221 1.05 -2.65 7.22
CA MET A 221 1.65 -3.17 5.95
CA MET A 221 1.73 -3.20 6.00
C MET A 221 0.82 -4.33 5.39
C MET A 221 0.86 -4.33 5.41
N ALA A 222 0.47 -5.32 6.25
CA ALA A 222 -0.33 -6.45 5.75
C ALA A 222 -1.72 -5.93 5.32
N SER A 223 -2.24 -4.90 5.97
CA SER A 223 -3.52 -4.29 5.58
C SER A 223 -3.48 -3.84 4.12
N SER A 224 -2.30 -3.40 3.65
N SER A 224 -2.30 -3.41 3.65
CA SER A 224 -2.10 -2.84 2.29
CA SER A 224 -2.09 -2.83 2.31
C SER A 224 -1.72 -3.90 1.26
C SER A 224 -1.72 -3.89 1.28
N MET A 225 -1.65 -5.16 1.68
CA MET A 225 -1.10 -6.23 0.86
C MET A 225 -2.23 -7.19 0.48
N PRO A 226 -2.25 -7.64 -0.81
CA PRO A 226 -3.30 -8.58 -1.25
C PRO A 226 -2.96 -10.01 -0.92
N ILE A 227 -2.91 -10.31 0.37
CA ILE A 227 -2.69 -11.71 0.79
C ILE A 227 -3.96 -12.47 0.43
N PRO A 228 -3.90 -13.79 0.40
CA PRO A 228 -4.98 -14.52 -0.25
C PRO A 228 -6.37 -14.43 0.39
N ASP A 229 -7.38 -14.73 -0.44
CA ASP A 229 -8.78 -14.77 0.01
C ASP A 229 -8.86 -15.76 1.21
N GLY A 230 -9.63 -15.40 2.21
CA GLY A 230 -9.89 -16.24 3.38
C GLY A 230 -8.77 -16.26 4.41
N VAL A 231 -7.67 -15.54 4.20
CA VAL A 231 -6.55 -15.53 5.16
C VAL A 231 -6.72 -14.32 6.09
N THR A 232 -6.74 -14.61 7.38
CA THR A 232 -6.90 -13.62 8.46
C THR A 232 -5.57 -12.88 8.60
N GLU A 233 -5.55 -11.58 8.32
CA GLU A 233 -4.24 -10.83 8.32
C GLU A 233 -3.59 -10.91 9.70
N ALA A 234 -4.34 -11.02 10.80
CA ALA A 234 -3.74 -10.99 12.16
C ALA A 234 -2.75 -12.16 12.30
N GLY A 235 -3.11 -13.35 11.84
CA GLY A 235 -2.25 -14.51 11.96
C GLY A 235 -1.07 -14.49 11.00
N TYR A 236 -1.21 -13.84 9.85
CA TYR A 236 -0.14 -13.69 8.86
C TYR A 236 0.88 -12.72 9.46
N VAL A 237 0.43 -11.59 10.05
CA VAL A 237 1.35 -10.63 10.71
C VAL A 237 2.05 -11.35 11.87
N GLY A 238 1.32 -12.20 12.58
CA GLY A 238 1.92 -12.92 13.72
C GLY A 238 3.02 -13.82 13.22
N ALA A 239 2.80 -14.52 12.11
CA ALA A 239 3.86 -15.42 11.61
C ALA A 239 5.02 -14.57 11.10
N MET A 240 4.71 -13.50 10.40
CA MET A 240 5.79 -12.66 9.76
C MET A 240 6.73 -12.07 10.85
N THR A 241 6.18 -11.63 11.97
CA THR A 241 6.91 -10.97 13.08
C THR A 241 7.42 -11.97 14.13
N GLY A 242 6.95 -13.22 14.07
CA GLY A 242 7.29 -14.19 15.12
C GLY A 242 6.60 -13.87 16.43
N SER A 243 5.61 -13.01 16.44
CA SER A 243 4.89 -12.75 17.69
C SER A 243 3.39 -12.54 17.53
N SER A 244 2.63 -13.16 18.45
CA SER A 244 1.16 -13.07 18.46
C SER A 244 0.75 -11.65 18.78
N LEU A 245 -0.04 -11.03 17.92
CA LEU A 245 -0.52 -9.65 18.17
C LEU A 245 -1.55 -9.65 19.31
N GLU A 246 -1.41 -8.69 20.21
CA GLU A 246 -2.39 -8.47 21.30
C GLU A 246 -3.58 -7.63 20.83
N LEU A 247 -4.80 -8.20 20.93
CA LEU A 247 -6.03 -7.48 20.55
C LEU A 247 -6.96 -7.40 21.76
N VAL A 248 -7.78 -6.35 21.79
N VAL A 248 -7.80 -6.37 21.76
CA VAL A 248 -8.83 -6.16 22.82
CA VAL A 248 -8.82 -6.13 22.82
C VAL A 248 -10.18 -6.12 22.12
C VAL A 248 -10.19 -6.06 22.14
N LYS A 249 -11.22 -6.59 22.79
CA LYS A 249 -12.55 -6.56 22.18
C LYS A 249 -13.04 -5.12 22.13
N CYS A 250 -13.75 -4.83 21.04
CA CYS A 250 -14.61 -3.62 20.93
C CYS A 250 -15.63 -3.60 22.09
N ASP A 251 -16.02 -2.38 22.50
CA ASP A 251 -17.04 -2.19 23.55
C ASP A 251 -18.44 -2.51 23.04
N THR A 252 -18.73 -2.18 21.79
CA THR A 252 -20.11 -2.27 21.25
C THR A 252 -20.28 -3.41 20.26
N ASN A 253 -19.26 -4.21 20.00
CA ASN A 253 -19.43 -5.39 19.15
C ASN A 253 -18.36 -6.38 19.54
N ASP A 254 -18.34 -7.52 18.88
CA ASP A 254 -17.45 -8.63 19.23
C ASP A 254 -16.23 -8.71 18.32
N LEU A 255 -15.90 -7.65 17.59
CA LEU A 255 -14.65 -7.64 16.85
C LEU A 255 -13.53 -7.28 17.81
N TYR A 256 -12.31 -7.59 17.43
CA TYR A 256 -11.09 -7.29 18.22
C TYR A 256 -10.16 -6.33 17.46
N VAL A 257 -9.62 -5.37 18.22
CA VAL A 257 -8.76 -4.32 17.63
C VAL A 257 -7.38 -4.41 18.29
N PRO A 258 -6.30 -3.99 17.61
CA PRO A 258 -4.99 -3.97 18.28
C PRO A 258 -5.03 -3.14 19.58
N ALA A 259 -4.48 -3.72 20.65
CA ALA A 259 -4.59 -3.11 22.00
C ALA A 259 -3.98 -1.69 22.06
N THR A 260 -2.94 -1.42 21.26
CA THR A 260 -2.26 -0.08 21.25
C THR A 260 -2.77 0.82 20.12
N SER A 261 -3.88 0.48 19.47
CA SER A 261 -4.49 1.34 18.43
C SER A 261 -4.62 2.78 19.00
N GLU A 262 -4.21 3.80 18.25
CA GLU A 262 -4.34 5.20 18.70
C GLU A 262 -5.80 5.61 18.80
N ILE A 263 -6.62 5.22 17.81
CA ILE A 263 -8.01 5.69 17.70
C ILE A 263 -8.80 4.54 17.12
N VAL A 264 -9.94 4.22 17.73
CA VAL A 264 -10.82 3.14 17.24
C VAL A 264 -12.24 3.67 17.01
N LEU A 265 -12.79 3.48 15.82
CA LEU A 265 -14.23 3.72 15.58
C LEU A 265 -14.88 2.34 15.59
N GLU A 266 -16.01 2.26 16.28
CA GLU A 266 -16.83 1.01 16.33
C GLU A 266 -18.16 1.25 15.66
N GLY A 267 -18.67 0.32 14.85
CA GLY A 267 -20.04 0.53 14.39
C GLY A 267 -20.42 -0.49 13.36
N THR A 268 -21.07 -0.05 12.27
CA THR A 268 -21.58 -0.97 11.24
C THR A 268 -21.33 -0.42 9.83
N LEU A 269 -21.06 -1.33 8.90
CA LEU A 269 -21.02 -1.05 7.44
C LEU A 269 -22.38 -1.50 6.88
N SER A 270 -23.13 -0.60 6.29
CA SER A 270 -24.53 -0.89 5.89
C SER A 270 -24.53 -1.84 4.69
N ILE A 271 -25.45 -2.81 4.73
CA ILE A 271 -25.72 -3.71 3.59
C ILE A 271 -26.79 -3.13 2.68
N SER A 272 -27.37 -1.97 3.03
CA SER A 272 -28.43 -1.32 2.23
C SER A 272 -28.20 0.18 1.88
N GLU A 273 -27.54 1.01 2.69
CA GLU A 273 -27.44 2.47 2.49
C GLU A 273 -26.15 2.81 1.75
N THR A 274 -26.21 3.91 1.01
CA THR A 274 -25.08 4.51 0.31
C THR A 274 -25.15 5.99 0.62
N GLY A 275 -24.05 6.65 0.34
CA GLY A 275 -24.02 8.12 0.43
C GLY A 275 -22.98 8.67 -0.54
N PRO A 276 -23.01 9.99 -0.77
CA PRO A 276 -22.01 10.68 -1.62
C PRO A 276 -20.60 10.42 -1.08
N GLU A 277 -19.74 9.95 -1.98
CA GLU A 277 -18.32 9.71 -1.70
C GLU A 277 -17.46 10.29 -2.82
N GLY A 278 -16.36 10.91 -2.41
CA GLY A 278 -15.43 11.53 -3.35
C GLY A 278 -15.96 12.87 -3.84
N PRO A 279 -15.26 13.50 -4.82
CA PRO A 279 -14.01 13.00 -5.36
C PRO A 279 -12.86 13.12 -4.35
N PHE A 280 -11.76 12.48 -4.72
CA PHE A 280 -10.55 12.45 -3.87
C PHE A 280 -9.31 12.45 -4.73
N GLY A 281 -8.32 13.22 -4.28
CA GLY A 281 -6.97 13.20 -4.87
C GLY A 281 -6.32 11.87 -4.68
N GLU A 282 -6.21 11.06 -5.73
CA GLU A 282 -5.91 9.62 -5.60
C GLU A 282 -4.49 9.25 -6.07
N MET A 283 -4.17 7.97 -5.88
CA MET A 283 -2.80 7.41 -6.03
C MET A 283 -2.17 7.72 -7.40
N HIS A 284 -2.95 7.85 -8.47
CA HIS A 284 -2.34 8.09 -9.79
C HIS A 284 -1.97 9.57 -9.96
N GLY A 285 -2.38 10.44 -9.06
CA GLY A 285 -2.05 11.88 -9.17
C GLY A 285 -3.17 12.80 -9.60
N TYR A 286 -4.42 12.38 -9.49
CA TYR A 286 -5.57 13.11 -10.06
C TYR A 286 -6.73 13.28 -9.09
N ILE A 287 -7.43 14.36 -9.25
CA ILE A 287 -8.80 14.55 -8.74
C ILE A 287 -9.69 15.12 -9.86
N PHE A 288 -10.91 14.62 -9.97
CA PHE A 288 -11.88 15.09 -10.99
C PHE A 288 -12.92 15.85 -10.19
N PRO A 289 -12.79 17.19 -10.06
CA PRO A 289 -13.64 17.96 -9.17
C PRO A 289 -15.12 17.80 -9.54
N GLY A 290 -16.00 17.79 -8.55
CA GLY A 290 -17.43 17.49 -8.80
C GLY A 290 -17.76 16.07 -9.27
N ASP A 291 -16.81 15.18 -9.61
CA ASP A 291 -17.05 13.75 -9.86
C ASP A 291 -17.51 13.04 -8.59
N THR A 292 -18.65 13.39 -7.98
CA THR A 292 -19.19 12.60 -6.82
C THR A 292 -19.96 11.34 -7.28
N HIS A 293 -19.62 10.22 -6.65
CA HIS A 293 -20.22 8.89 -6.87
C HIS A 293 -20.95 8.51 -5.59
N LEU A 294 -21.66 7.39 -5.60
CA LEU A 294 -22.25 6.88 -4.33
C LEU A 294 -21.25 5.90 -3.77
N GLY A 295 -21.07 5.94 -2.44
CA GLY A 295 -20.18 4.98 -1.79
C GLY A 295 -20.89 4.25 -0.67
N ALA A 296 -20.24 3.26 -0.13
CA ALA A 296 -20.63 2.55 1.11
C ALA A 296 -20.82 3.55 2.25
N LYS A 297 -21.69 3.21 3.18
CA LYS A 297 -21.99 4.08 4.31
C LYS A 297 -21.76 3.31 5.60
N TYR A 298 -20.97 3.94 6.45
CA TYR A 298 -20.59 3.37 7.75
C TYR A 298 -21.26 4.21 8.83
N LYS A 299 -21.79 3.51 9.84
CA LYS A 299 -22.36 4.16 11.03
C LYS A 299 -21.38 4.00 12.19
N VAL A 300 -21.07 5.09 12.85
CA VAL A 300 -20.11 5.06 14.00
C VAL A 300 -20.92 5.17 15.30
N ASN A 301 -20.78 4.17 16.16
CA ASN A 301 -21.50 4.07 17.45
C ASN A 301 -20.61 4.49 18.63
N ARG A 302 -19.30 4.42 18.49
CA ARG A 302 -18.39 4.68 19.63
C ARG A 302 -16.99 5.02 19.09
N ILE A 303 -16.30 5.86 19.83
CA ILE A 303 -14.87 6.15 19.59
C ILE A 303 -14.12 5.83 20.87
N THR A 304 -13.05 5.07 20.77
CA THR A 304 -12.11 4.93 21.90
C THR A 304 -10.73 5.39 21.41
N TYR A 305 -9.91 5.86 22.34
CA TYR A 305 -8.61 6.40 21.90
C TYR A 305 -7.60 6.49 23.02
N ARG A 306 -6.34 6.42 22.62
CA ARG A 306 -5.19 6.73 23.48
C ARG A 306 -5.17 8.17 23.96
N ASN A 307 -4.68 8.41 25.18
CA ASN A 307 -4.28 9.78 25.57
C ASN A 307 -3.33 10.31 24.48
N ASN A 308 -3.56 11.56 24.07
CA ASN A 308 -2.67 12.27 23.10
C ASN A 308 -2.61 11.50 21.78
N ALA A 309 -3.74 10.94 21.40
CA ALA A 309 -3.90 10.12 20.18
C ALA A 309 -3.28 10.78 18.94
N ILE A 310 -2.67 9.97 18.11
CA ILE A 310 -2.05 10.37 16.79
C ILE A 310 -2.79 9.64 15.66
N MET A 311 -3.30 10.42 14.70
CA MET A 311 -3.93 9.95 13.50
C MET A 311 -2.86 9.93 12.42
N PRO A 312 -2.52 8.77 11.83
CA PRO A 312 -1.73 8.78 10.61
C PRO A 312 -2.56 9.22 9.39
N MET A 313 -1.86 9.87 8.47
CA MET A 313 -2.47 10.49 7.26
C MET A 313 -1.56 10.32 6.08
N SER A 314 -2.10 9.82 4.97
CA SER A 314 -1.43 9.82 3.66
C SER A 314 -1.99 10.99 2.85
N SER A 315 -1.11 11.87 2.37
CA SER A 315 -1.53 12.99 1.50
C SER A 315 -1.22 12.48 0.11
N CYS A 316 -2.11 11.73 -0.48
N CYS A 316 -2.17 11.68 -0.43
CA CYS A 316 -1.66 10.94 -1.63
CA CYS A 316 -2.07 10.81 -1.65
C CYS A 316 -1.91 11.69 -2.94
C CYS A 316 -1.97 11.67 -2.94
N GLY A 317 -1.15 11.27 -3.91
CA GLY A 317 -1.19 11.87 -5.25
C GLY A 317 0.03 11.56 -6.06
N ARG A 318 0.68 12.60 -6.58
CA ARG A 318 1.91 12.39 -7.33
C ARG A 318 3.05 11.90 -6.43
N LEU A 319 4.07 11.36 -7.09
CA LEU A 319 5.17 10.66 -6.41
C LEU A 319 5.75 11.53 -5.30
N THR A 320 6.15 10.92 -4.16
CA THR A 320 6.05 9.53 -3.77
C THR A 320 5.41 9.43 -2.40
N ASP A 321 4.37 8.63 -2.31
CA ASP A 321 3.69 8.43 -1.01
C ASP A 321 3.34 6.97 -0.78
N GLU A 322 2.54 6.72 0.26
CA GLU A 322 2.19 5.36 0.70
C GLU A 322 1.41 4.59 -0.36
N THR A 323 0.69 5.30 -1.23
CA THR A 323 -0.08 4.63 -2.30
C THR A 323 0.90 4.03 -3.32
N HIS A 324 2.11 4.52 -3.40
CA HIS A 324 3.14 4.00 -4.33
C HIS A 324 4.00 2.99 -3.62
N THR A 325 4.56 3.40 -2.49
CA THR A 325 5.56 2.58 -1.80
C THR A 325 4.95 1.29 -1.23
N MET A 326 3.69 1.34 -0.81
CA MET A 326 3.00 0.15 -0.20
C MET A 326 2.02 -0.50 -1.18
N ILE A 327 1.12 0.24 -1.79
CA ILE A 327 0.15 -0.42 -2.75
C ILE A 327 0.95 -1.09 -3.87
N GLY A 328 1.77 -0.32 -4.61
CA GLY A 328 2.56 -0.91 -5.72
C GLY A 328 3.45 -2.06 -5.29
N SER A 329 4.30 -1.81 -4.31
CA SER A 329 5.35 -2.79 -3.97
C SER A 329 4.70 -4.05 -3.40
N LEU A 330 3.67 -3.90 -2.59
CA LEU A 330 3.08 -5.12 -1.92
C LEU A 330 2.27 -5.93 -2.95
N ALA A 331 1.62 -5.28 -3.91
CA ALA A 331 0.96 -5.99 -5.05
C ALA A 331 2.02 -6.74 -5.85
N ALA A 332 3.17 -6.11 -6.13
CA ALA A 332 4.26 -6.75 -6.88
C ALA A 332 4.76 -7.95 -6.13
N ALA A 333 4.90 -7.84 -4.81
CA ALA A 333 5.39 -8.99 -4.01
C ALA A 333 4.41 -10.17 -4.15
N GLU A 334 3.12 -9.90 -4.03
CA GLU A 334 2.13 -11.03 -4.11
C GLU A 334 2.08 -11.58 -5.55
N ILE A 335 2.29 -10.75 -6.55
CA ILE A 335 2.35 -11.21 -7.95
C ILE A 335 3.58 -12.10 -8.12
N ARG A 336 4.71 -11.73 -7.54
CA ARG A 336 5.92 -12.58 -7.63
C ARG A 336 5.56 -13.98 -7.16
N LYS A 337 4.97 -14.02 -5.98
CA LYS A 337 4.67 -15.31 -5.33
C LYS A 337 3.65 -16.10 -6.17
N LEU A 338 2.60 -15.44 -6.62
CA LEU A 338 1.54 -16.04 -7.45
C LEU A 338 2.17 -16.65 -8.70
N CYS A 339 3.10 -15.95 -9.33
CA CYS A 339 3.74 -16.48 -10.55
C CYS A 339 4.51 -17.75 -10.17
N GLN A 340 5.29 -17.71 -9.11
CA GLN A 340 6.14 -18.88 -8.73
C GLN A 340 5.22 -20.09 -8.40
N GLN A 341 4.08 -19.84 -7.78
CA GLN A 341 3.16 -20.93 -7.39
C GLN A 341 2.49 -21.54 -8.65
N ASN A 342 2.50 -20.81 -9.77
CA ASN A 342 1.96 -21.27 -11.06
C ASN A 342 3.07 -21.81 -11.95
N ASP A 343 4.20 -22.14 -11.34
CA ASP A 343 5.40 -22.68 -12.00
C ASP A 343 5.92 -21.72 -13.10
N LEU A 344 5.77 -20.40 -12.94
CA LEU A 344 6.41 -19.44 -13.87
C LEU A 344 7.74 -19.04 -13.28
N PRO A 345 8.79 -18.98 -14.12
CA PRO A 345 10.17 -18.75 -13.63
C PRO A 345 10.48 -17.28 -13.32
N ILE A 346 9.69 -16.72 -12.42
CA ILE A 346 9.84 -15.31 -12.00
C ILE A 346 10.62 -15.24 -10.70
N THR A 347 11.67 -14.43 -10.65
CA THR A 347 12.55 -14.32 -9.47
C THR A 347 12.16 -13.11 -8.64
N ASP A 348 11.72 -12.04 -9.31
CA ASP A 348 11.52 -10.72 -8.66
C ASP A 348 10.41 -9.97 -9.35
N ALA A 349 9.72 -9.11 -8.59
CA ALA A 349 8.71 -8.22 -9.16
C ALA A 349 8.75 -6.90 -8.40
N PHE A 350 8.54 -5.80 -9.11
CA PHE A 350 8.43 -4.47 -8.54
C PHE A 350 7.55 -3.62 -9.43
N ALA A 351 6.77 -2.72 -8.85
CA ALA A 351 5.98 -1.74 -9.61
C ALA A 351 6.80 -0.46 -9.73
N PRO A 352 7.36 -0.14 -10.93
CA PRO A 352 8.17 1.05 -11.06
C PRO A 352 7.43 2.30 -10.67
N PHE A 353 8.06 3.11 -9.83
CA PHE A 353 7.40 4.39 -9.46
C PHE A 353 7.13 5.24 -10.72
N GLU A 354 8.02 5.19 -11.70
CA GLU A 354 7.92 5.99 -12.95
C GLU A 354 6.62 5.68 -13.69
N SER A 355 6.11 4.45 -13.54
CA SER A 355 4.83 4.00 -14.11
C SER A 355 3.62 4.43 -13.28
N GLN A 356 3.82 5.23 -12.23
CA GLN A 356 2.75 5.59 -11.25
C GLN A 356 2.17 4.29 -10.67
N VAL A 357 3.05 3.33 -10.47
CA VAL A 357 2.81 1.95 -9.98
C VAL A 357 1.66 1.23 -10.73
N THR A 358 1.51 1.53 -12.02
CA THR A 358 0.52 0.87 -12.86
C THR A 358 1.17 -0.26 -13.63
N TRP A 359 2.52 -0.35 -13.63
CA TRP A 359 3.26 -1.47 -14.26
C TRP A 359 3.82 -2.33 -13.17
N VAL A 360 4.02 -3.61 -13.46
CA VAL A 360 4.93 -4.45 -12.69
C VAL A 360 5.93 -5.08 -13.62
N ALA A 361 7.20 -4.91 -13.26
CA ALA A 361 8.32 -5.57 -13.94
C ALA A 361 8.60 -6.92 -13.31
N LEU A 362 8.64 -7.97 -14.13
CA LEU A 362 8.86 -9.35 -13.68
C LEU A 362 10.20 -9.83 -14.21
N ARG A 363 11.13 -10.05 -13.31
CA ARG A 363 12.45 -10.62 -13.67
C ARG A 363 12.35 -12.12 -13.88
N VAL A 364 12.83 -12.59 -15.01
CA VAL A 364 12.72 -14.00 -15.43
C VAL A 364 14.06 -14.69 -15.23
N ASP A 365 13.99 -15.90 -14.70
CA ASP A 365 15.14 -16.81 -14.61
C ASP A 365 15.25 -17.42 -16.01
N THR A 366 16.13 -16.91 -16.88
CA THR A 366 16.05 -17.29 -18.31
C THR A 366 16.64 -18.68 -18.56
N GLU A 367 17.47 -19.20 -17.65
CA GLU A 367 17.88 -20.64 -17.71
C GLU A 367 16.64 -21.54 -17.63
N LYS A 368 15.75 -21.23 -16.71
CA LYS A 368 14.50 -21.98 -16.59
C LYS A 368 13.63 -21.74 -17.81
N LEU A 369 13.60 -20.50 -18.26
CA LEU A 369 12.77 -20.20 -19.42
C LEU A 369 13.24 -21.05 -20.60
N ARG A 370 14.54 -21.13 -20.80
CA ARG A 370 15.08 -21.90 -21.95
C ARG A 370 14.60 -23.35 -21.86
N ALA A 371 14.52 -23.88 -20.64
CA ALA A 371 14.16 -25.30 -20.44
C ALA A 371 12.68 -25.50 -20.78
N MET A 372 11.88 -24.44 -20.74
CA MET A 372 10.45 -24.48 -21.11
C MET A 372 10.27 -24.64 -22.63
N LYS A 373 11.27 -24.34 -23.44
CA LYS A 373 11.16 -24.42 -24.91
C LYS A 373 9.82 -23.82 -25.36
N THR A 374 9.60 -22.54 -25.08
CA THR A 374 8.37 -21.82 -25.42
C THR A 374 8.76 -20.58 -26.28
N THR A 375 7.75 -19.75 -26.52
CA THR A 375 7.82 -18.55 -27.34
C THR A 375 7.25 -17.35 -26.62
N SER A 376 7.60 -16.18 -27.14
CA SER A 376 7.12 -14.93 -26.53
C SER A 376 5.60 -14.92 -26.46
N GLU A 377 4.91 -15.25 -27.55
N GLU A 377 4.90 -15.24 -27.54
CA GLU A 377 3.45 -15.12 -27.55
CA GLU A 377 3.45 -15.04 -27.48
C GLU A 377 2.84 -16.07 -26.51
C GLU A 377 2.79 -16.08 -26.54
N GLY A 378 3.35 -17.29 -26.46
CA GLY A 378 2.82 -18.34 -25.53
C GLY A 378 3.07 -17.92 -24.07
N PHE A 379 4.30 -17.52 -23.80
CA PHE A 379 4.71 -17.16 -22.41
C PHE A 379 3.99 -15.90 -21.95
N ARG A 380 3.91 -14.85 -22.80
CA ARG A 380 3.15 -13.63 -22.44
C ARG A 380 1.72 -13.94 -22.08
N LYS A 381 1.12 -14.83 -22.85
N LYS A 381 1.06 -14.81 -22.84
CA LYS A 381 -0.30 -15.22 -22.68
CA LYS A 381 -0.36 -15.10 -22.57
C LYS A 381 -0.45 -15.86 -21.27
C LYS A 381 -0.44 -15.81 -21.18
N ARG A 382 0.48 -16.77 -20.95
CA ARG A 382 0.42 -17.60 -19.74
C ARG A 382 0.59 -16.66 -18.53
N VAL A 383 1.55 -15.73 -18.63
CA VAL A 383 1.84 -14.83 -17.49
C VAL A 383 0.62 -13.95 -17.30
N GLY A 384 0.07 -13.38 -18.39
CA GLY A 384 -1.07 -12.49 -18.23
C GLY A 384 -2.29 -13.19 -17.66
N ASP A 385 -2.58 -14.38 -18.16
CA ASP A 385 -3.75 -15.12 -17.69
C ASP A 385 -3.62 -15.35 -16.16
N VAL A 386 -2.42 -15.73 -15.71
CA VAL A 386 -2.22 -15.98 -14.25
C VAL A 386 -2.44 -14.67 -13.50
N VAL A 387 -1.73 -13.63 -13.88
CA VAL A 387 -1.77 -12.41 -13.05
C VAL A 387 -3.06 -11.61 -13.25
N PHE A 388 -3.49 -11.39 -14.49
CA PHE A 388 -4.64 -10.48 -14.69
C PHE A 388 -5.99 -11.12 -14.33
N ASN A 389 -6.04 -12.42 -14.14
CA ASN A 389 -7.29 -13.03 -13.66
C ASN A 389 -7.27 -13.21 -12.14
N HIS A 390 -6.28 -12.68 -11.44
CA HIS A 390 -6.17 -12.82 -9.97
C HIS A 390 -6.27 -11.44 -9.34
N LYS A 391 -6.76 -11.43 -8.12
CA LYS A 391 -6.97 -10.22 -7.35
C LYS A 391 -5.62 -9.44 -7.19
N ALA A 392 -4.51 -10.16 -7.06
CA ALA A 392 -3.17 -9.56 -6.83
C ALA A 392 -2.82 -8.70 -8.03
N GLY A 393 -3.37 -9.00 -9.21
CA GLY A 393 -3.10 -8.19 -10.42
C GLY A 393 -4.04 -7.04 -10.65
N TYR A 394 -5.00 -6.79 -9.78
CA TYR A 394 -6.09 -5.83 -10.01
C TYR A 394 -5.59 -4.45 -10.42
N THR A 395 -4.69 -3.88 -9.63
CA THR A 395 -4.23 -2.48 -9.79
C THR A 395 -3.26 -2.33 -10.98
N ILE A 396 -2.73 -3.42 -11.50
CA ILE A 396 -1.62 -3.44 -12.48
C ILE A 396 -2.18 -3.60 -13.89
N HIS A 397 -1.87 -2.63 -14.77
CA HIS A 397 -2.33 -2.63 -16.16
C HIS A 397 -1.29 -3.05 -17.18
N ARG A 398 -0.02 -2.99 -16.83
N ARG A 398 -0.02 -3.01 -16.83
CA ARG A 398 1.04 -3.44 -17.74
CA ARG A 398 1.05 -3.43 -17.76
C ARG A 398 2.01 -4.30 -16.96
C ARG A 398 2.08 -4.27 -17.02
N LEU A 399 2.31 -5.47 -17.51
CA LEU A 399 3.38 -6.34 -17.03
C LEU A 399 4.54 -6.28 -18.01
N VAL A 400 5.73 -6.05 -17.51
CA VAL A 400 6.95 -6.02 -18.37
C VAL A 400 7.83 -7.19 -18.02
N LEU A 401 8.04 -8.11 -18.96
CA LEU A 401 8.91 -9.28 -18.71
C LEU A 401 10.34 -8.88 -19.08
N VAL A 402 11.29 -9.12 -18.18
CA VAL A 402 12.71 -8.75 -18.40
C VAL A 402 13.56 -9.94 -18.00
N GLY A 403 14.67 -10.07 -18.67
CA GLY A 403 15.71 -11.08 -18.36
C GLY A 403 16.56 -10.78 -17.12
N ASP A 404 17.53 -11.67 -16.86
CA ASP A 404 18.34 -11.78 -15.63
C ASP A 404 19.21 -10.56 -15.42
N ASP A 405 19.56 -9.81 -16.48
CA ASP A 405 20.50 -8.65 -16.32
C ASP A 405 19.77 -7.45 -15.72
N ILE A 406 18.47 -7.39 -15.70
CA ILE A 406 17.71 -6.22 -15.23
C ILE A 406 17.41 -6.36 -13.73
N ASP A 407 17.70 -5.29 -13.02
CA ASP A 407 17.28 -5.08 -11.63
C ASP A 407 15.93 -4.36 -11.66
N VAL A 408 14.85 -5.10 -11.38
CA VAL A 408 13.49 -4.57 -11.47
C VAL A 408 13.24 -3.50 -10.42
N TYR A 409 14.10 -3.43 -9.40
CA TYR A 409 13.97 -2.42 -8.30
C TYR A 409 14.58 -1.11 -8.79
N GLU A 410 15.17 -1.08 -9.98
CA GLU A 410 15.80 0.17 -10.56
C GLU A 410 14.93 0.60 -11.75
N GLY A 411 14.08 1.60 -11.55
CA GLY A 411 13.18 2.04 -12.60
C GLY A 411 13.91 2.46 -13.87
N LYS A 412 15.13 3.02 -13.77
CA LYS A 412 15.91 3.43 -14.96
C LYS A 412 16.16 2.19 -15.86
N ASP A 413 16.44 1.03 -15.22
CA ASP A 413 16.82 -0.21 -15.92
C ASP A 413 15.58 -0.86 -16.51
N VAL A 414 14.46 -0.79 -15.78
CA VAL A 414 13.17 -1.27 -16.36
C VAL A 414 12.83 -0.45 -17.62
N LEU A 415 12.89 0.88 -17.53
N LEU A 415 12.89 0.87 -17.52
CA LEU A 415 12.50 1.75 -18.67
CA LEU A 415 12.49 1.74 -18.66
C LEU A 415 13.43 1.48 -19.85
C LEU A 415 13.42 1.49 -19.84
N TRP A 416 14.72 1.31 -19.58
CA TRP A 416 15.71 1.00 -20.63
C TRP A 416 15.33 -0.32 -21.34
N ALA A 417 15.06 -1.39 -20.57
CA ALA A 417 14.71 -2.70 -21.12
C ALA A 417 13.39 -2.59 -21.90
N PHE A 418 12.38 -1.96 -21.32
CA PHE A 418 11.05 -1.82 -21.94
C PHE A 418 11.20 -1.11 -23.31
N SER A 419 11.95 -0.02 -23.29
N SER A 419 11.91 0.01 -23.34
CA SER A 419 12.08 0.91 -24.44
CA SER A 419 11.96 0.84 -24.55
C SER A 419 12.89 0.29 -25.59
C SER A 419 12.88 0.26 -25.63
N THR A 420 13.76 -0.68 -25.31
CA THR A 420 14.75 -1.17 -26.27
C THR A 420 14.50 -2.63 -26.64
N ARG A 421 13.75 -3.41 -25.84
CA ARG A 421 13.66 -4.87 -26.08
C ARG A 421 12.24 -5.33 -26.38
N CYS A 422 11.23 -4.49 -26.20
CA CYS A 422 9.82 -4.82 -26.47
C CYS A 422 9.37 -4.02 -27.68
N ARG A 423 9.14 -4.73 -28.79
CA ARG A 423 8.58 -4.13 -30.02
C ARG A 423 7.12 -3.86 -29.85
N PRO A 424 6.69 -2.58 -29.93
CA PRO A 424 5.28 -2.28 -29.73
C PRO A 424 4.37 -3.14 -30.64
N GLY A 425 3.26 -3.61 -30.10
CA GLY A 425 2.30 -4.48 -30.84
C GLY A 425 2.78 -5.91 -30.85
N MET A 426 3.73 -6.22 -31.68
CA MET A 426 4.19 -7.61 -31.93
C MET A 426 4.61 -8.32 -30.64
N ASP A 427 5.35 -7.62 -29.75
CA ASP A 427 5.92 -8.29 -28.55
C ASP A 427 4.96 -8.11 -27.39
N GLU A 428 3.69 -7.70 -27.62
CA GLU A 428 2.72 -7.45 -26.55
C GLU A 428 1.44 -8.26 -26.74
N THR A 429 0.76 -8.57 -25.66
CA THR A 429 -0.62 -9.16 -25.74
C THR A 429 -1.54 -8.29 -24.94
N LEU A 430 -2.61 -7.83 -25.55
CA LEU A 430 -3.64 -7.05 -24.87
C LEU A 430 -4.67 -8.00 -24.26
N PHE A 431 -5.22 -7.56 -23.13
CA PHE A 431 -6.19 -8.33 -22.30
C PHE A 431 -7.39 -7.44 -22.12
N GLU A 432 -8.45 -7.69 -22.90
CA GLU A 432 -9.65 -6.83 -22.83
C GLU A 432 -10.77 -7.46 -21.97
N ASP A 433 -10.66 -8.74 -21.61
CA ASP A 433 -11.76 -9.46 -20.86
C ASP A 433 -11.29 -9.78 -19.44
N VAL A 434 -10.54 -8.89 -18.83
CA VAL A 434 -10.07 -9.02 -17.43
C VAL A 434 -10.60 -7.80 -16.69
N ARG A 435 -10.71 -7.92 -15.37
CA ARG A 435 -11.12 -6.75 -14.57
C ARG A 435 -10.07 -5.63 -14.67
N GLY A 436 -10.53 -4.41 -14.88
CA GLY A 436 -9.73 -3.18 -14.98
C GLY A 436 -9.82 -2.40 -13.68
N PHE A 437 -8.84 -1.49 -13.45
CA PHE A 437 -8.81 -0.66 -12.25
C PHE A 437 -9.34 0.69 -12.56
N PRO A 438 -10.57 0.98 -12.14
CA PRO A 438 -11.19 2.21 -12.63
C PRO A 438 -10.58 3.51 -12.13
N LEU A 439 -9.84 3.48 -11.02
CA LEU A 439 -9.17 4.70 -10.48
C LEU A 439 -8.16 5.25 -11.50
N ILE A 440 -7.55 4.41 -12.31
CA ILE A 440 -6.58 4.92 -13.33
C ILE A 440 -7.37 5.82 -14.27
N PRO A 441 -6.96 7.10 -14.48
CA PRO A 441 -7.80 7.99 -15.27
C PRO A 441 -8.21 7.46 -16.67
N TYR A 442 -7.32 6.77 -17.37
CA TYR A 442 -7.61 6.23 -18.74
C TYR A 442 -8.67 5.13 -18.70
N MET A 443 -8.98 4.65 -17.49
CA MET A 443 -10.04 3.65 -17.26
C MET A 443 -11.33 4.36 -16.89
N GLY A 444 -11.47 4.86 -15.66
CA GLY A 444 -12.73 5.42 -15.16
C GLY A 444 -13.13 6.71 -15.82
N HIS A 445 -12.15 7.51 -16.31
CA HIS A 445 -12.45 8.77 -17.01
C HIS A 445 -11.99 8.68 -18.48
N GLY A 446 -11.90 7.47 -19.04
CA GLY A 446 -11.32 7.25 -20.35
C GLY A 446 -12.32 6.99 -21.44
N ASN A 447 -11.87 6.38 -22.48
CA ASN A 447 -12.61 6.19 -23.75
C ASN A 447 -13.32 4.83 -23.75
N GLY A 448 -12.98 3.94 -22.82
CA GLY A 448 -13.46 2.56 -22.82
C GLY A 448 -14.23 2.22 -21.53
N PRO A 449 -14.65 0.94 -21.41
CA PRO A 449 -15.29 0.46 -20.19
C PRO A 449 -14.41 0.72 -18.95
N ALA A 450 -14.98 1.32 -17.93
CA ALA A 450 -14.24 1.74 -16.72
C ALA A 450 -13.70 0.53 -15.92
N HIS A 451 -14.37 -0.62 -16.02
CA HIS A 451 -14.09 -1.76 -15.12
C HIS A 451 -13.53 -2.93 -15.88
N ARG A 452 -13.31 -2.82 -17.20
CA ARG A 452 -12.87 -4.01 -17.96
C ARG A 452 -11.78 -3.66 -18.96
N GLY A 453 -10.75 -4.50 -19.04
CA GLY A 453 -9.75 -4.57 -20.12
C GLY A 453 -8.73 -3.46 -19.88
N GLY A 454 -8.06 -3.05 -20.95
CA GLY A 454 -6.98 -2.06 -20.88
C GLY A 454 -5.70 -2.59 -20.31
N LYS A 455 -5.47 -3.88 -20.34
CA LYS A 455 -4.26 -4.50 -19.75
C LYS A 455 -3.40 -5.11 -20.79
N VAL A 456 -2.10 -5.15 -20.51
CA VAL A 456 -1.11 -5.59 -21.53
C VAL A 456 0.04 -6.31 -20.90
N VAL A 457 0.50 -7.39 -21.53
CA VAL A 457 1.79 -7.98 -21.22
C VAL A 457 2.76 -7.55 -22.32
N SER A 458 3.81 -6.87 -21.91
CA SER A 458 4.91 -6.35 -22.77
C SER A 458 6.16 -7.20 -22.57
N ASP A 459 6.52 -7.97 -23.56
CA ASP A 459 7.68 -8.87 -23.49
C ASP A 459 8.98 -8.14 -23.84
N ALA A 460 9.80 -7.79 -22.85
CA ALA A 460 11.13 -7.21 -23.02
C ALA A 460 12.21 -8.29 -22.88
N LEU A 461 11.85 -9.56 -23.04
CA LEU A 461 12.84 -10.61 -23.29
C LEU A 461 13.20 -10.54 -24.76
N MET A 462 14.48 -10.70 -25.02
CA MET A 462 15.01 -10.77 -26.39
C MET A 462 14.92 -12.22 -26.91
N PRO A 463 14.85 -12.40 -28.28
CA PRO A 463 14.54 -13.72 -28.82
C PRO A 463 15.47 -14.86 -28.33
N THR A 464 16.76 -14.58 -28.22
CA THR A 464 17.69 -15.66 -27.84
C THR A 464 17.53 -16.02 -26.36
N GLU A 465 16.85 -15.20 -25.55
CA GLU A 465 16.69 -15.51 -24.10
C GLU A 465 15.78 -16.74 -23.96
N TYR A 466 14.96 -17.06 -24.97
CA TYR A 466 14.05 -18.24 -25.02
C TYR A 466 14.78 -19.47 -25.56
N THR A 467 15.96 -19.31 -26.16
CA THR A 467 16.63 -20.43 -26.90
C THR A 467 18.01 -20.74 -26.31
N THR A 468 19.01 -19.96 -26.67
CA THR A 468 20.43 -20.25 -26.42
C THR A 468 21.08 -19.31 -25.40
N GLY A 469 20.47 -18.18 -25.04
CA GLY A 469 21.08 -17.30 -24.03
C GLY A 469 21.26 -15.87 -24.58
N ARG A 470 21.39 -14.91 -23.68
CA ARG A 470 21.65 -13.49 -24.04
C ARG A 470 22.78 -13.42 -25.09
N ASN A 471 22.65 -12.60 -26.13
CA ASN A 471 23.64 -12.55 -27.23
C ASN A 471 24.19 -11.14 -27.41
N TRP A 472 24.03 -10.30 -26.39
CA TRP A 472 24.55 -8.92 -26.38
C TRP A 472 25.35 -8.70 -25.11
N GLU A 473 26.13 -7.62 -25.13
CA GLU A 473 26.77 -6.97 -23.94
C GLU A 473 26.22 -5.55 -23.95
N ALA A 474 26.00 -4.95 -22.79
CA ALA A 474 25.59 -3.53 -22.72
C ALA A 474 26.78 -2.68 -23.15
N ALA A 475 26.48 -1.60 -23.87
CA ALA A 475 27.41 -0.51 -24.15
C ALA A 475 27.42 0.44 -22.97
N ASP A 476 27.94 -0.07 -21.83
CA ASP A 476 28.01 0.75 -20.60
C ASP A 476 29.40 0.53 -19.98
N PHE A 477 29.71 1.31 -18.95
CA PHE A 477 31.03 1.19 -18.33
C PHE A 477 31.21 -0.23 -17.76
N ASN A 478 30.13 -0.77 -17.16
CA ASN A 478 30.23 -2.05 -16.45
C ASN A 478 30.58 -3.18 -17.43
N GLN A 479 29.92 -3.21 -18.61
CA GLN A 479 29.99 -4.38 -19.49
C GLN A 479 30.89 -4.22 -20.74
N SER A 480 31.29 -3.01 -21.11
N SER A 480 31.26 -3.00 -21.18
CA SER A 480 32.00 -2.83 -22.39
CA SER A 480 32.06 -2.87 -22.43
C SER A 480 33.50 -2.61 -22.14
C SER A 480 33.55 -2.71 -22.16
N TYR A 481 33.99 -2.81 -20.90
CA TYR A 481 35.41 -2.62 -20.52
C TYR A 481 35.86 -3.76 -19.62
N PRO A 482 37.09 -4.29 -19.77
CA PRO A 482 37.52 -5.40 -18.91
C PRO A 482 37.72 -4.92 -17.46
N GLU A 483 37.64 -5.88 -16.52
CA GLU A 483 37.67 -5.57 -15.08
C GLU A 483 38.89 -4.76 -14.69
N ASP A 484 40.06 -5.15 -15.19
N ASP A 484 40.08 -5.16 -15.13
CA ASP A 484 41.34 -4.50 -14.77
CA ASP A 484 41.32 -4.46 -14.68
C ASP A 484 41.32 -3.02 -15.19
C ASP A 484 41.24 -2.99 -15.14
N LEU A 485 40.81 -2.74 -16.39
CA LEU A 485 40.72 -1.36 -16.92
C LEU A 485 39.72 -0.54 -16.08
N LYS A 486 38.57 -1.15 -15.80
CA LYS A 486 37.52 -0.43 -15.02
C LYS A 486 38.11 0.00 -13.69
N GLN A 487 38.81 -0.93 -13.05
CA GLN A 487 39.37 -0.64 -11.69
C GLN A 487 40.43 0.46 -11.80
N LYS A 488 41.29 0.38 -12.82
CA LYS A 488 42.29 1.44 -13.04
C LYS A 488 41.63 2.81 -13.16
N VAL A 489 40.64 2.90 -14.03
CA VAL A 489 39.89 4.14 -14.22
C VAL A 489 39.31 4.61 -12.89
N LEU A 490 38.65 3.72 -12.11
CA LEU A 490 38.06 4.17 -10.82
C LEU A 490 39.18 4.63 -9.89
N ASP A 491 40.28 3.91 -9.83
CA ASP A 491 41.40 4.23 -8.91
C ASP A 491 42.04 5.57 -9.25
N ASN A 492 42.06 5.94 -10.54
CA ASN A 492 42.78 7.15 -11.00
C ASN A 492 41.81 8.32 -11.15
N TRP A 493 40.53 8.11 -10.88
CA TRP A 493 39.48 9.09 -11.23
C TRP A 493 39.81 10.47 -10.63
N THR A 494 39.98 10.57 -9.30
CA THR A 494 40.19 11.90 -8.69
C THR A 494 41.57 12.43 -9.11
N LYS A 495 42.60 11.55 -9.22
CA LYS A 495 44.00 11.94 -9.55
C LYS A 495 43.94 12.59 -10.92
N MET A 496 43.08 12.14 -11.84
CA MET A 496 42.99 12.68 -13.22
C MET A 496 42.30 14.03 -13.18
N GLY A 497 41.40 14.31 -12.20
CA GLY A 497 40.66 15.60 -12.06
C GLY A 497 39.14 15.50 -11.99
N PHE A 498 38.53 14.32 -11.96
CA PHE A 498 37.05 14.17 -11.98
C PHE A 498 36.48 14.21 -10.55
N SER A 499 35.13 14.21 -10.38
CA SER A 499 34.37 14.53 -9.11
C SER A 499 33.97 13.25 -8.36
#